data_6IED
#
_entry.id   6IED
#
_cell.length_a   90.528
_cell.length_b   90.528
_cell.length_c   147.230
_cell.angle_alpha   90.000
_cell.angle_beta   90.000
_cell.angle_gamma   120.000
#
_symmetry.space_group_name_H-M   'H 3'
#
loop_
_entity.id
_entity.type
_entity.pdbx_description
1 polymer 'Heme A synthase'
2 non-polymer 'PROTOPORPHYRIN IX CONTAINING FE'
3 non-polymer 'COPPER (II) ION'
4 non-polymer 'SULFATE ION'
5 non-polymer '(2R)-2,3-dihydroxypropyl (9Z)-octadec-9-enoate'
#
_entity_poly.entity_id   1
_entity_poly.type   'polypeptide(L)'
_entity_poly.pdbx_seq_one_letter_code
;HMLEDPMNKALKALGVLTTFVMLIVLIGGALVTKTGSGQGCGRQWPLCHGRFFPELNPASIIEWSHRFASGISIILVLSL
AFWSWRKITPIFRETTFLAIMSIIFLFLQALLGALAVVFGSNALIMALHFGISLISFASVLILTLLIFEADKSVRTLVKP
LQIGKKMQFHMIGILIYSYIVVYTGAYVRHTESSLACPNVPLCSPLNNGLPTQFHEWVQMGHRAAALLLFVWIIVAAVHA
ITSYKDQKQIFWGWISCLIFITLQALSGIMIVYSELALGFALAHSFFIACLFGVLCYFLLLIARFRYES
;
_entity_poly.pdbx_strand_id   A
#
loop_
_chem_comp.id
_chem_comp.type
_chem_comp.name
_chem_comp.formula
CU non-polymer 'COPPER (II) ION' 'Cu 2'
HEM non-polymer 'PROTOPORPHYRIN IX CONTAINING FE' 'C34 H32 Fe N4 O4'
OLC non-polymer '(2R)-2,3-dihydroxypropyl (9Z)-octadec-9-enoate' 'C21 H40 O4'
SO4 non-polymer 'SULFATE ION' 'O4 S -2'
#
# COMPACT_ATOMS: atom_id res chain seq x y z
N HIS A 1 3.52 26.17 -21.07
CA HIS A 1 2.23 25.42 -20.95
C HIS A 1 1.05 26.29 -20.45
N MET A 2 1.05 26.63 -19.16
CA MET A 2 -0.03 27.43 -18.58
C MET A 2 0.54 28.74 -18.04
N LEU A 3 -0.03 29.85 -18.50
CA LEU A 3 0.34 31.22 -18.12
C LEU A 3 -0.06 31.59 -16.69
N GLU A 4 -0.74 30.67 -15.99
CA GLU A 4 -1.14 30.88 -14.61
C GLU A 4 0.12 30.93 -13.74
N ASP A 5 -0.06 31.35 -12.48
CA ASP A 5 1.03 31.44 -11.50
C ASP A 5 1.90 30.18 -11.48
N PRO A 6 3.23 30.33 -11.69
CA PRO A 6 4.17 29.20 -11.70
C PRO A 6 4.15 28.37 -10.42
N MET A 7 3.66 28.96 -9.33
CA MET A 7 3.58 28.28 -8.04
C MET A 7 2.66 27.07 -8.07
N ASN A 8 1.85 26.98 -9.11
CA ASN A 8 0.92 25.87 -9.23
C ASN A 8 1.64 24.54 -9.48
N LYS A 9 2.64 24.55 -10.35
CA LYS A 9 3.41 23.34 -10.64
C LYS A 9 4.20 22.88 -9.40
N ALA A 10 4.24 23.75 -8.38
CA ALA A 10 4.91 23.42 -7.13
C ALA A 10 3.94 22.55 -6.30
N LEU A 11 2.64 22.74 -6.50
CA LEU A 11 1.66 21.93 -5.79
C LEU A 11 1.72 20.50 -6.37
N LYS A 12 2.03 20.40 -7.66
CA LYS A 12 2.16 19.09 -8.32
C LYS A 12 3.43 18.40 -7.84
N ALA A 13 4.48 19.19 -7.66
CA ALA A 13 5.78 18.70 -7.17
C ALA A 13 5.62 18.18 -5.73
N LEU A 14 4.89 18.95 -4.92
CA LEU A 14 4.61 18.59 -3.52
C LEU A 14 3.80 17.30 -3.47
N GLY A 15 2.87 17.16 -4.42
CA GLY A 15 2.05 15.98 -4.47
C GLY A 15 2.92 14.78 -4.78
N VAL A 16 3.79 14.91 -5.78
CA VAL A 16 4.68 13.82 -6.14
C VAL A 16 5.60 13.45 -4.98
N LEU A 17 6.21 14.48 -4.39
CA LEU A 17 7.14 14.30 -3.27
C LEU A 17 6.48 13.59 -2.08
N THR A 18 5.33 14.09 -1.65
CA THR A 18 4.60 13.50 -0.53
C THR A 18 4.12 12.07 -0.82
N THR A 19 3.63 11.83 -2.04
CA THR A 19 3.18 10.49 -2.41
C THR A 19 4.38 9.57 -2.22
N PHE A 20 5.53 10.01 -2.75
CA PHE A 20 6.78 9.27 -2.67
C PHE A 20 7.25 9.03 -1.22
N VAL A 21 7.18 10.07 -0.39
CA VAL A 21 7.58 9.94 1.00
C VAL A 21 6.67 8.95 1.72
N MET A 22 5.36 9.07 1.48
CA MET A 22 4.38 8.17 2.10
C MET A 22 4.57 6.73 1.65
N LEU A 23 5.08 6.55 0.42
CA LEU A 23 5.33 5.21 -0.09
C LEU A 23 6.55 4.65 0.66
N ILE A 24 7.53 5.52 0.89
CA ILE A 24 8.75 5.16 1.59
C ILE A 24 8.43 4.74 3.04
N VAL A 25 7.57 5.52 3.68
CA VAL A 25 7.16 5.23 5.04
C VAL A 25 6.55 3.84 5.09
N LEU A 26 5.75 3.53 4.07
CA LEU A 26 5.09 2.23 3.98
C LEU A 26 6.05 1.08 3.68
N ILE A 27 6.60 1.04 2.48
CA ILE A 27 7.49 -0.04 2.10
C ILE A 27 8.81 -0.07 2.88
N GLY A 28 9.20 1.08 3.43
CA GLY A 28 10.44 1.14 4.20
C GLY A 28 10.27 0.34 5.49
N GLY A 29 9.02 0.19 5.92
CA GLY A 29 8.77 -0.57 7.14
C GLY A 29 9.14 -2.04 6.99
N ALA A 30 9.42 -2.48 5.77
CA ALA A 30 9.78 -3.87 5.49
C ALA A 30 11.23 -4.13 5.82
N LEU A 31 11.96 -3.04 6.06
CA LEU A 31 13.38 -3.12 6.35
C LEU A 31 13.74 -2.84 7.80
N VAL A 32 12.86 -2.15 8.54
CA VAL A 32 13.12 -1.82 9.95
C VAL A 32 12.12 -2.43 10.91
N THR A 33 12.52 -2.57 12.16
CA THR A 33 11.64 -3.11 13.19
C THR A 33 10.51 -2.12 13.46
N LYS A 34 9.29 -2.63 13.56
CA LYS A 34 8.14 -1.78 13.81
C LYS A 34 7.61 -1.96 15.23
N THR A 35 8.16 -2.94 15.94
CA THR A 35 7.73 -3.21 17.29
C THR A 35 8.88 -3.29 18.27
N GLY A 36 8.55 -3.08 19.54
CA GLY A 36 9.54 -3.14 20.60
C GLY A 36 10.49 -1.96 20.71
N SER A 37 11.50 -2.15 21.56
CA SER A 37 12.49 -1.12 21.82
C SER A 37 13.47 -0.93 20.66
N GLY A 38 13.60 -1.95 19.81
CA GLY A 38 14.50 -1.84 18.68
C GLY A 38 13.83 -1.20 17.48
N GLN A 39 12.62 -0.69 17.71
CA GLN A 39 11.84 -0.06 16.66
C GLN A 39 12.62 1.03 15.94
N GLY A 40 12.60 0.95 14.61
CA GLY A 40 13.29 1.91 13.78
C GLY A 40 14.61 1.38 13.28
N CYS A 41 15.09 0.33 13.95
CA CYS A 41 16.35 -0.32 13.60
C CYS A 41 16.16 -1.39 12.54
N GLY A 42 17.21 -1.59 11.74
CA GLY A 42 17.16 -2.60 10.70
C GLY A 42 16.62 -3.86 11.33
N ARG A 43 15.75 -4.57 10.62
CA ARG A 43 15.16 -5.78 11.17
C ARG A 43 16.20 -6.85 11.51
N GLN A 44 17.29 -6.93 10.76
CA GLN A 44 18.27 -7.96 11.05
C GLN A 44 19.12 -7.74 12.28
N TRP A 45 19.22 -6.50 12.73
CA TRP A 45 19.98 -6.19 13.94
C TRP A 45 19.27 -5.08 14.70
N PRO A 46 18.26 -5.45 15.51
CA PRO A 46 17.43 -4.57 16.32
C PRO A 46 18.16 -3.54 17.20
N LEU A 47 19.49 -3.58 17.26
CA LEU A 47 20.24 -2.63 18.08
C LEU A 47 20.92 -1.57 17.23
N CYS A 48 20.38 -0.36 17.22
CA CYS A 48 20.97 0.72 16.44
C CYS A 48 20.90 2.03 17.22
N HIS A 49 20.27 1.97 18.39
CA HIS A 49 20.11 3.14 19.24
C HIS A 49 20.97 3.01 20.50
N GLY A 50 22.11 3.70 20.54
CA GLY A 50 22.94 3.64 21.73
C GLY A 50 24.41 3.26 21.70
N ARG A 51 24.67 1.97 21.94
CA ARG A 51 26.03 1.42 22.04
C ARG A 51 27.05 1.40 20.88
N PHE A 52 26.61 1.00 19.68
CA PHE A 52 27.53 0.91 18.53
C PHE A 52 28.36 2.12 18.13
N PHE A 53 29.65 1.84 17.91
CA PHE A 53 30.64 2.85 17.54
C PHE A 53 30.64 3.29 16.06
N PRO A 54 30.58 2.33 15.12
CA PRO A 54 30.58 2.59 13.67
C PRO A 54 29.42 3.42 13.08
N GLU A 55 29.66 4.02 11.91
CA GLU A 55 28.65 4.85 11.21
C GLU A 55 28.82 4.97 9.67
N LEU A 56 27.74 5.37 8.98
CA LEU A 56 27.65 5.54 7.50
C LEU A 56 27.51 4.23 6.71
N ASN A 57 26.95 3.21 7.35
CA ASN A 57 26.71 1.89 6.76
C ASN A 57 25.48 1.99 5.89
N PRO A 58 25.31 1.07 4.93
CA PRO A 58 24.14 1.09 4.04
C PRO A 58 22.86 0.75 4.81
N ALA A 59 23.04 0.13 5.97
CA ALA A 59 21.90 -0.24 6.81
C ALA A 59 21.51 0.94 7.69
N SER A 60 22.49 1.80 7.96
CA SER A 60 22.29 3.00 8.79
C SER A 60 21.56 4.05 7.97
N ILE A 61 21.78 4.02 6.67
CA ILE A 61 21.15 4.97 5.75
C ILE A 61 19.65 4.67 5.68
N ILE A 62 19.33 3.38 5.66
CA ILE A 62 17.95 2.91 5.62
C ILE A 62 17.20 3.43 6.85
N GLU A 63 17.79 3.21 8.02
CA GLU A 63 17.20 3.62 9.27
C GLU A 63 17.05 5.13 9.39
N TRP A 64 17.99 5.87 8.83
CA TRP A 64 17.94 7.33 8.86
C TRP A 64 16.88 7.83 7.88
N SER A 65 16.87 7.25 6.70
CA SER A 65 15.93 7.62 5.65
C SER A 65 14.49 7.30 6.00
N HIS A 66 14.27 6.31 6.85
CA HIS A 66 12.91 5.97 7.21
C HIS A 66 12.37 6.90 8.26
N ARG A 67 13.19 7.19 9.27
CA ARG A 67 12.79 8.08 10.35
C ARG A 67 12.68 9.50 9.82
N PHE A 68 13.49 9.82 8.82
CA PHE A 68 13.44 11.14 8.23
C PHE A 68 12.14 11.30 7.46
N ALA A 69 11.81 10.29 6.67
CA ALA A 69 10.59 10.29 5.86
C ALA A 69 9.37 10.35 6.75
N SER A 70 9.43 9.66 7.87
CA SER A 70 8.31 9.64 8.81
C SER A 70 8.14 10.99 9.48
N GLY A 71 9.24 11.66 9.80
CA GLY A 71 9.14 12.96 10.44
C GLY A 71 8.63 14.03 9.48
N ILE A 72 9.28 14.11 8.33
CA ILE A 72 8.93 15.08 7.31
C ILE A 72 7.50 14.90 6.77
N SER A 73 6.95 13.69 6.92
CA SER A 73 5.60 13.38 6.43
C SER A 73 4.50 14.25 7.03
N ILE A 74 4.58 14.53 8.33
CA ILE A 74 3.55 15.36 8.95
C ILE A 74 3.48 16.73 8.27
N ILE A 75 4.66 17.33 8.03
CA ILE A 75 4.79 18.63 7.37
C ILE A 75 4.21 18.60 5.95
N LEU A 76 4.69 17.64 5.17
CA LEU A 76 4.26 17.47 3.80
C LEU A 76 2.76 17.16 3.65
N VAL A 77 2.29 16.16 4.38
CA VAL A 77 0.88 15.80 4.28
C VAL A 77 -0.06 16.94 4.65
N LEU A 78 0.21 17.62 5.75
CA LEU A 78 -0.64 18.75 6.17
C LEU A 78 -0.65 19.87 5.13
N SER A 79 0.51 20.17 4.56
CA SER A 79 0.62 21.22 3.55
C SER A 79 -0.13 20.84 2.28
N LEU A 80 0.01 19.59 1.85
CA LEU A 80 -0.64 19.11 0.65
C LEU A 80 -2.14 19.11 0.85
N ALA A 81 -2.59 18.65 2.02
CA ALA A 81 -4.01 18.61 2.34
C ALA A 81 -4.64 19.98 2.25
N PHE A 82 -4.00 20.96 2.90
CA PHE A 82 -4.48 22.33 2.91
C PHE A 82 -4.49 23.01 1.54
N TRP A 83 -3.30 23.05 0.92
CA TRP A 83 -3.12 23.67 -0.38
C TRP A 83 -4.05 23.08 -1.46
N SER A 84 -4.07 21.76 -1.57
CA SER A 84 -4.92 21.15 -2.58
C SER A 84 -6.38 21.44 -2.28
N TRP A 85 -6.73 21.46 -0.99
CA TRP A 85 -8.10 21.75 -0.56
C TRP A 85 -8.51 23.15 -1.02
N ARG A 86 -7.62 24.11 -0.79
CA ARG A 86 -7.83 25.48 -1.18
C ARG A 86 -7.94 25.63 -2.71
N LYS A 87 -7.06 24.97 -3.45
CA LYS A 87 -7.00 25.07 -4.91
C LYS A 87 -7.76 24.07 -5.82
N ILE A 88 -7.71 22.78 -5.50
CA ILE A 88 -8.33 21.74 -6.31
C ILE A 88 -9.83 21.46 -6.12
N THR A 89 -10.34 21.67 -4.90
CA THR A 89 -11.75 21.39 -4.60
C THR A 89 -12.80 21.98 -5.55
N PRO A 90 -12.54 23.18 -6.10
CA PRO A 90 -13.52 23.78 -7.02
C PRO A 90 -13.85 22.86 -8.19
N ILE A 91 -12.83 22.16 -8.70
CA ILE A 91 -13.00 21.22 -9.82
C ILE A 91 -13.37 19.81 -9.33
N PHE A 92 -12.69 19.32 -8.29
CA PHE A 92 -12.99 17.99 -7.75
C PHE A 92 -13.45 18.10 -6.32
N ARG A 93 -14.72 17.81 -6.17
CA ARG A 93 -15.32 17.86 -4.87
C ARG A 93 -14.71 16.80 -3.97
N GLU A 94 -14.22 15.72 -4.58
CA GLU A 94 -13.62 14.61 -3.83
C GLU A 94 -12.34 15.04 -3.11
N THR A 95 -11.79 16.16 -3.55
CA THR A 95 -10.56 16.67 -2.96
C THR A 95 -10.60 16.73 -1.43
N THR A 96 -11.72 17.22 -0.88
CA THR A 96 -11.84 17.35 0.58
C THR A 96 -11.85 16.02 1.32
N PHE A 97 -12.54 15.02 0.78
CA PHE A 97 -12.56 13.71 1.42
C PHE A 97 -11.14 13.13 1.48
N LEU A 98 -10.41 13.30 0.38
CA LEU A 98 -9.04 12.82 0.28
C LEU A 98 -8.11 13.56 1.22
N ALA A 99 -8.21 14.89 1.23
CA ALA A 99 -7.36 15.69 2.10
C ALA A 99 -7.57 15.20 3.54
N ILE A 100 -8.82 15.02 3.92
CA ILE A 100 -9.14 14.56 5.27
C ILE A 100 -8.62 13.16 5.53
N MET A 101 -8.88 12.24 4.59
CA MET A 101 -8.42 10.86 4.70
C MET A 101 -6.91 10.81 4.90
N SER A 102 -6.20 11.64 4.15
CA SER A 102 -4.74 11.72 4.21
C SER A 102 -4.26 12.04 5.61
N ILE A 103 -4.87 13.08 6.19
CA ILE A 103 -4.52 13.54 7.53
C ILE A 103 -4.86 12.50 8.59
N ILE A 104 -6.11 12.05 8.59
CA ILE A 104 -6.55 11.04 9.55
C ILE A 104 -5.67 9.79 9.61
N PHE A 105 -5.38 9.21 8.45
CA PHE A 105 -4.57 8.00 8.44
C PHE A 105 -3.11 8.21 8.71
N LEU A 106 -2.60 9.41 8.41
CA LEU A 106 -1.20 9.71 8.70
C LEU A 106 -1.09 9.66 10.23
N PHE A 107 -2.09 10.25 10.89
CA PHE A 107 -2.11 10.28 12.35
C PHE A 107 -2.37 8.91 12.94
N LEU A 108 -3.24 8.13 12.29
CA LEU A 108 -3.53 6.80 12.79
C LEU A 108 -2.30 5.92 12.78
N GLN A 109 -1.53 5.94 11.70
CA GLN A 109 -0.36 5.08 11.66
C GLN A 109 0.72 5.57 12.61
N ALA A 110 0.80 6.88 12.80
CA ALA A 110 1.76 7.47 13.72
C ALA A 110 1.38 7.05 15.17
N LEU A 111 0.07 7.06 15.43
CA LEU A 111 -0.46 6.67 16.74
C LEU A 111 -0.18 5.19 16.99
N LEU A 112 -0.48 4.34 16.00
CA LEU A 112 -0.27 2.90 16.12
C LEU A 112 1.22 2.60 16.23
N GLY A 113 2.03 3.31 15.46
CA GLY A 113 3.47 3.11 15.55
C GLY A 113 4.00 3.44 16.93
N ALA A 114 3.53 4.54 17.50
CA ALA A 114 3.95 4.96 18.83
C ALA A 114 3.65 3.86 19.85
N LEU A 115 2.44 3.30 19.75
CA LEU A 115 1.98 2.22 20.62
C LEU A 115 2.74 0.91 20.39
N ALA A 116 3.18 0.70 19.14
CA ALA A 116 3.92 -0.52 18.79
C ALA A 116 5.23 -0.61 19.57
N VAL A 117 5.73 0.54 20.01
CA VAL A 117 6.97 0.57 20.77
C VAL A 117 6.80 -0.25 22.03
N VAL A 118 5.57 -0.26 22.56
CA VAL A 118 5.32 -0.97 23.81
C VAL A 118 4.25 -2.05 23.81
N PHE A 119 3.41 -2.10 22.77
CA PHE A 119 2.37 -3.12 22.70
C PHE A 119 2.50 -3.99 21.47
N GLY A 120 3.75 -4.05 21.00
CA GLY A 120 4.06 -4.82 19.81
C GLY A 120 3.90 -6.32 19.93
N SER A 121 3.56 -6.79 21.12
CA SER A 121 3.39 -8.22 21.34
C SER A 121 1.96 -8.66 20.98
N ASN A 122 1.10 -7.66 20.69
CA ASN A 122 -0.28 -7.93 20.29
C ASN A 122 -0.26 -7.94 18.78
N ALA A 123 -0.03 -9.15 18.19
CA ALA A 123 0.02 -9.36 16.74
C ALA A 123 -1.30 -8.98 16.05
N LEU A 124 -2.42 -9.22 16.72
CA LEU A 124 -3.72 -8.87 16.15
C LEU A 124 -3.86 -7.36 15.96
N ILE A 125 -3.27 -6.60 16.87
CA ILE A 125 -3.30 -5.15 16.76
C ILE A 125 -2.20 -4.68 15.83
N MET A 126 -1.00 -5.24 16.01
CA MET A 126 0.13 -4.86 15.18
C MET A 126 -0.13 -5.10 13.70
N ALA A 127 -0.93 -6.11 13.39
CA ALA A 127 -1.24 -6.46 12.01
C ALA A 127 -2.18 -5.45 11.34
N LEU A 128 -2.61 -4.44 12.11
CA LEU A 128 -3.49 -3.38 11.62
C LEU A 128 -2.70 -2.24 11.00
N HIS A 129 -1.44 -2.09 11.45
CA HIS A 129 -0.58 -1.00 10.98
C HIS A 129 -0.32 -0.89 9.48
N PHE A 130 0.02 -2.00 8.82
CA PHE A 130 0.28 -1.95 7.38
C PHE A 130 -0.92 -1.37 6.62
N GLY A 131 -2.09 -1.96 6.81
CA GLY A 131 -3.29 -1.50 6.12
C GLY A 131 -3.60 -0.03 6.34
N ILE A 132 -3.27 0.46 7.52
CA ILE A 132 -3.52 1.86 7.85
C ILE A 132 -2.48 2.70 7.09
N SER A 133 -1.22 2.26 7.14
CA SER A 133 -0.13 2.94 6.46
C SER A 133 -0.41 2.94 4.95
N LEU A 134 -1.00 1.85 4.47
CA LEU A 134 -1.33 1.69 3.06
C LEU A 134 -2.39 2.69 2.60
N ILE A 135 -3.39 2.93 3.45
CA ILE A 135 -4.46 3.87 3.14
C ILE A 135 -3.95 5.31 3.25
N SER A 136 -2.96 5.51 4.12
CA SER A 136 -2.35 6.81 4.30
C SER A 136 -1.68 7.20 2.99
N PHE A 137 -0.97 6.23 2.39
CA PHE A 137 -0.28 6.40 1.11
C PHE A 137 -1.25 6.55 -0.08
N ALA A 138 -2.25 5.66 -0.15
CA ALA A 138 -3.25 5.65 -1.22
C ALA A 138 -4.11 6.93 -1.26
N SER A 139 -4.33 7.53 -0.10
CA SER A 139 -5.10 8.76 0.02
C SER A 139 -4.34 9.92 -0.63
N VAL A 140 -3.05 10.00 -0.32
CA VAL A 140 -2.15 11.02 -0.84
C VAL A 140 -1.90 10.80 -2.36
N LEU A 141 -1.79 9.54 -2.76
CA LEU A 141 -1.59 9.17 -4.15
C LEU A 141 -2.74 9.67 -5.03
N ILE A 142 -3.97 9.36 -4.62
CA ILE A 142 -5.16 9.76 -5.40
C ILE A 142 -5.39 11.26 -5.37
N LEU A 143 -5.03 11.89 -4.26
CA LEU A 143 -5.16 13.34 -4.14
C LEU A 143 -4.20 13.95 -5.16
N THR A 144 -2.96 13.45 -5.22
CA THR A 144 -1.95 13.92 -6.18
C THR A 144 -2.46 13.73 -7.61
N LEU A 145 -3.15 12.61 -7.86
CA LEU A 145 -3.70 12.32 -9.17
C LEU A 145 -4.72 13.39 -9.56
N LEU A 146 -5.52 13.81 -8.60
CA LEU A 146 -6.53 14.82 -8.86
C LEU A 146 -5.88 16.17 -9.10
N ILE A 147 -4.76 16.40 -8.42
CA ILE A 147 -4.03 17.65 -8.58
C ILE A 147 -3.56 17.81 -10.03
N PHE A 148 -3.09 16.72 -10.62
CA PHE A 148 -2.65 16.75 -11.99
C PHE A 148 -3.84 16.89 -12.95
N GLU A 149 -4.85 16.03 -12.75
CA GLU A 149 -6.05 16.03 -13.58
C GLU A 149 -6.76 17.37 -13.57
N ALA A 150 -6.67 18.08 -12.45
CA ALA A 150 -7.33 19.38 -12.35
C ALA A 150 -6.73 20.37 -13.34
N ASP A 151 -5.49 20.10 -13.78
CA ASP A 151 -4.81 21.01 -14.70
C ASP A 151 -4.82 20.57 -16.15
N LYS A 152 -5.73 19.67 -16.49
CA LYS A 152 -5.86 19.17 -17.85
C LYS A 152 -7.30 19.29 -18.33
N SER A 153 -7.49 19.67 -19.60
CA SER A 153 -8.84 19.80 -20.15
C SER A 153 -9.30 18.40 -20.58
N VAL A 154 -8.43 17.65 -21.25
CA VAL A 154 -8.76 16.27 -21.61
C VAL A 154 -8.05 15.42 -20.56
N ARG A 155 -8.82 14.98 -19.56
CA ARG A 155 -8.28 14.16 -18.47
C ARG A 155 -7.82 12.81 -18.98
N THR A 156 -6.73 12.33 -18.39
CA THR A 156 -6.17 11.06 -18.80
C THR A 156 -6.85 9.88 -18.08
N LEU A 157 -6.87 9.91 -16.75
CA LEU A 157 -7.44 8.81 -15.98
C LEU A 157 -8.77 9.09 -15.33
N VAL A 158 -8.92 10.27 -14.74
CA VAL A 158 -10.17 10.65 -14.10
C VAL A 158 -11.14 11.15 -15.16
N LYS A 159 -11.75 10.17 -15.83
CA LYS A 159 -12.72 10.40 -16.90
C LYS A 159 -14.04 9.84 -16.39
N PRO A 160 -15.18 10.40 -16.85
CA PRO A 160 -16.48 9.92 -16.41
C PRO A 160 -16.84 8.62 -17.14
N LEU A 161 -16.34 7.49 -16.64
CA LEU A 161 -16.59 6.20 -17.27
C LEU A 161 -17.87 5.55 -16.79
N GLN A 162 -18.43 4.72 -17.65
CA GLN A 162 -19.65 3.99 -17.36
C GLN A 162 -19.25 2.65 -16.72
N ILE A 163 -19.41 2.54 -15.40
CA ILE A 163 -19.06 1.30 -14.70
C ILE A 163 -20.31 0.46 -14.44
N GLY A 164 -20.40 -0.70 -15.09
CA GLY A 164 -21.54 -1.57 -14.91
C GLY A 164 -21.54 -2.17 -13.53
N LYS A 165 -22.65 -2.74 -13.18
CA LYS A 165 -22.78 -3.33 -11.87
C LYS A 165 -21.78 -4.44 -11.55
N LYS A 166 -21.55 -5.34 -12.50
CA LYS A 166 -20.61 -6.44 -12.26
C LYS A 166 -19.19 -5.93 -12.04
N MET A 167 -18.75 -5.02 -12.89
CA MET A 167 -17.41 -4.46 -12.76
C MET A 167 -17.30 -3.75 -11.43
N GLN A 168 -18.37 -3.10 -11.01
CA GLN A 168 -18.37 -2.40 -9.72
C GLN A 168 -18.22 -3.40 -8.58
N PHE A 169 -18.81 -4.58 -8.75
CA PHE A 169 -18.74 -5.62 -7.75
C PHE A 169 -17.29 -6.06 -7.61
N HIS A 170 -16.67 -6.35 -8.75
CA HIS A 170 -15.28 -6.79 -8.76
C HIS A 170 -14.36 -5.75 -8.15
N MET A 171 -14.45 -4.51 -8.63
CA MET A 171 -13.63 -3.40 -8.15
C MET A 171 -13.71 -3.19 -6.63
N ILE A 172 -14.92 -2.94 -6.14
CA ILE A 172 -15.12 -2.73 -4.71
C ILE A 172 -14.86 -4.00 -3.90
N GLY A 173 -15.32 -5.13 -4.41
CA GLY A 173 -15.11 -6.40 -3.74
C GLY A 173 -13.64 -6.74 -3.61
N ILE A 174 -12.90 -6.62 -4.71
CA ILE A 174 -11.48 -6.91 -4.68
C ILE A 174 -10.74 -5.90 -3.80
N LEU A 175 -11.12 -4.62 -3.87
CA LEU A 175 -10.50 -3.61 -3.02
C LEU A 175 -10.59 -4.01 -1.52
N ILE A 176 -11.81 -4.34 -1.09
CA ILE A 176 -12.07 -4.75 0.30
C ILE A 176 -11.37 -6.06 0.68
N TYR A 177 -11.42 -7.04 -0.22
CA TYR A 177 -10.78 -8.31 0.06
C TYR A 177 -9.26 -8.21 0.09
N SER A 178 -8.72 -7.36 -0.77
CA SER A 178 -7.27 -7.17 -0.80
C SER A 178 -6.84 -6.60 0.55
N TYR A 179 -7.66 -5.71 1.13
CA TYR A 179 -7.32 -5.15 2.41
C TYR A 179 -7.28 -6.27 3.48
N ILE A 180 -8.19 -7.23 3.35
CA ILE A 180 -8.25 -8.37 4.29
C ILE A 180 -6.99 -9.23 4.12
N VAL A 181 -6.60 -9.49 2.88
CA VAL A 181 -5.41 -10.29 2.62
C VAL A 181 -4.21 -9.55 3.17
N VAL A 182 -4.24 -8.24 3.09
CA VAL A 182 -3.15 -7.42 3.59
C VAL A 182 -3.00 -7.64 5.11
N TYR A 183 -4.14 -7.78 5.81
CA TYR A 183 -4.14 -7.99 7.26
C TYR A 183 -3.51 -9.35 7.58
N THR A 184 -3.94 -10.40 6.86
CA THR A 184 -3.40 -11.73 7.09
C THR A 184 -1.89 -11.74 6.85
N GLY A 185 -1.43 -10.94 5.91
CA GLY A 185 -0.01 -10.87 5.63
C GLY A 185 0.72 -10.24 6.79
N ALA A 186 0.23 -9.08 7.21
CA ALA A 186 0.80 -8.37 8.34
C ALA A 186 0.76 -9.24 9.59
N TYR A 187 -0.26 -10.07 9.69
CA TYR A 187 -0.43 -10.95 10.84
C TYR A 187 0.65 -12.03 10.87
N VAL A 188 1.06 -12.50 9.69
CA VAL A 188 2.12 -13.51 9.56
C VAL A 188 3.41 -12.89 10.09
N ARG A 189 3.69 -11.67 9.61
CA ARG A 189 4.89 -10.97 10.02
C ARG A 189 4.98 -10.79 11.53
N HIS A 190 4.02 -10.08 12.09
CA HIS A 190 4.02 -9.77 13.52
C HIS A 190 3.78 -10.94 14.44
N THR A 191 3.51 -12.08 13.84
CA THR A 191 3.26 -13.30 14.59
C THR A 191 4.47 -14.23 14.36
N GLU A 192 5.40 -13.77 13.51
CA GLU A 192 6.61 -14.50 13.16
C GLU A 192 6.37 -15.87 12.54
N SER A 193 5.38 -15.95 11.67
CA SER A 193 5.04 -17.19 11.01
C SER A 193 5.56 -17.20 9.56
N SER A 194 6.40 -16.20 9.26
CA SER A 194 6.98 -16.02 7.94
C SER A 194 7.65 -17.25 7.34
N LEU A 195 8.49 -17.90 8.13
CA LEU A 195 9.23 -19.06 7.67
C LEU A 195 8.78 -20.41 8.24
N ALA A 196 7.54 -20.48 8.74
CA ALA A 196 7.04 -21.73 9.31
C ALA A 196 6.91 -22.84 8.27
N CYS A 197 6.75 -22.46 7.02
CA CYS A 197 6.61 -23.42 5.92
C CYS A 197 7.68 -23.16 4.88
N PRO A 198 8.75 -23.98 4.87
CA PRO A 198 9.85 -23.82 3.90
C PRO A 198 9.47 -24.06 2.45
N ASN A 199 8.42 -24.84 2.24
CA ASN A 199 7.96 -25.18 0.90
C ASN A 199 6.90 -24.21 0.35
N VAL A 200 6.56 -24.39 -0.92
CA VAL A 200 5.53 -23.59 -1.60
C VAL A 200 5.03 -24.48 -2.72
N PRO A 201 3.71 -24.57 -2.92
CA PRO A 201 2.60 -23.91 -2.24
C PRO A 201 2.25 -24.50 -0.88
N LEU A 202 2.57 -25.77 -0.69
CA LEU A 202 2.26 -26.41 0.57
C LEU A 202 3.29 -26.04 1.64
N CYS A 203 3.00 -26.42 2.88
CA CYS A 203 3.86 -26.08 3.99
C CYS A 203 5.28 -26.66 4.02
N SER A 204 5.38 -27.97 4.18
CA SER A 204 6.69 -28.62 4.24
C SER A 204 6.62 -30.05 3.72
N PRO A 205 7.75 -30.79 3.82
CA PRO A 205 7.72 -32.18 3.35
C PRO A 205 6.88 -33.07 4.28
N LEU A 206 6.82 -32.72 5.57
CA LEU A 206 6.08 -33.50 6.53
C LEU A 206 4.58 -33.23 6.53
N ASN A 207 3.85 -34.12 7.18
CA ASN A 207 2.40 -34.00 7.32
C ASN A 207 1.63 -33.80 6.03
N ASN A 208 2.22 -34.22 4.91
CA ASN A 208 1.56 -34.07 3.62
C ASN A 208 1.45 -32.61 3.17
N GLY A 209 2.31 -31.76 3.69
CA GLY A 209 2.29 -30.35 3.32
C GLY A 209 1.16 -29.54 3.94
N LEU A 210 0.49 -30.11 4.93
CA LEU A 210 -0.61 -29.40 5.58
C LEU A 210 -0.14 -28.87 6.94
N PRO A 211 -0.66 -27.70 7.36
CA PRO A 211 -0.28 -27.11 8.65
C PRO A 211 -0.79 -27.93 9.83
N THR A 212 0.04 -28.04 10.87
CA THR A 212 -0.29 -28.81 12.08
C THR A 212 0.15 -28.02 13.31
N GLN A 213 0.62 -26.79 13.10
CA GLN A 213 1.09 -25.92 14.17
C GLN A 213 0.63 -24.49 13.95
N PHE A 214 0.55 -23.73 15.03
CA PHE A 214 0.11 -22.34 14.96
C PHE A 214 0.68 -21.57 13.77
N HIS A 215 1.99 -21.34 13.80
CA HIS A 215 2.68 -20.60 12.77
C HIS A 215 2.47 -21.15 11.36
N GLU A 216 2.22 -22.45 11.23
CA GLU A 216 2.01 -23.01 9.91
C GLU A 216 0.60 -22.68 9.42
N TRP A 217 -0.33 -22.59 10.36
CA TRP A 217 -1.70 -22.25 10.02
C TRP A 217 -1.79 -20.81 9.57
N VAL A 218 -1.09 -19.91 10.28
CA VAL A 218 -1.08 -18.50 9.92
C VAL A 218 -0.46 -18.36 8.54
N GLN A 219 0.69 -18.99 8.35
CA GLN A 219 1.38 -18.94 7.06
C GLN A 219 0.47 -19.41 5.94
N MET A 220 -0.07 -20.61 6.11
CA MET A 220 -0.97 -21.23 5.14
C MET A 220 -2.27 -20.45 4.89
N GLY A 221 -2.82 -19.84 5.94
CA GLY A 221 -4.02 -19.06 5.79
C GLY A 221 -3.75 -17.87 4.89
N HIS A 222 -2.58 -17.26 5.06
CA HIS A 222 -2.17 -16.13 4.24
C HIS A 222 -2.08 -16.53 2.77
N ARG A 223 -1.42 -17.64 2.48
CA ARG A 223 -1.26 -18.14 1.11
C ARG A 223 -2.61 -18.47 0.48
N ALA A 224 -3.48 -19.08 1.27
CA ALA A 224 -4.82 -19.44 0.81
C ALA A 224 -5.64 -18.20 0.47
N ALA A 225 -5.55 -17.19 1.35
CA ALA A 225 -6.24 -15.92 1.17
C ALA A 225 -5.75 -15.25 -0.09
N ALA A 226 -4.43 -15.28 -0.28
CA ALA A 226 -3.78 -14.69 -1.45
C ALA A 226 -4.20 -15.36 -2.76
N LEU A 227 -4.32 -16.70 -2.76
CA LEU A 227 -4.74 -17.46 -3.93
C LEU A 227 -6.13 -17.03 -4.43
N LEU A 228 -7.05 -16.86 -3.49
CA LEU A 228 -8.41 -16.42 -3.79
C LEU A 228 -8.39 -15.03 -4.43
N LEU A 229 -7.58 -14.15 -3.86
CA LEU A 229 -7.46 -12.79 -4.37
C LEU A 229 -6.94 -12.86 -5.81
N PHE A 230 -5.92 -13.69 -6.02
CA PHE A 230 -5.30 -13.90 -7.33
C PHE A 230 -6.33 -14.36 -8.36
N VAL A 231 -7.09 -15.38 -8.00
CA VAL A 231 -8.12 -15.91 -8.88
C VAL A 231 -9.20 -14.86 -9.19
N TRP A 232 -9.66 -14.14 -8.17
CA TRP A 232 -10.67 -13.11 -8.35
C TRP A 232 -10.19 -12.06 -9.35
N ILE A 233 -8.93 -11.64 -9.19
CA ILE A 233 -8.34 -10.63 -10.07
C ILE A 233 -8.26 -11.16 -11.51
N ILE A 234 -8.04 -12.46 -11.67
CA ILE A 234 -8.00 -13.05 -13.01
C ILE A 234 -9.40 -12.98 -13.66
N VAL A 235 -10.43 -13.23 -12.85
CA VAL A 235 -11.81 -13.18 -13.29
C VAL A 235 -12.19 -11.74 -13.62
N ALA A 236 -11.72 -10.82 -12.79
CA ALA A 236 -12.04 -9.42 -12.98
C ALA A 236 -11.35 -8.87 -14.22
N ALA A 237 -10.11 -9.33 -14.46
CA ALA A 237 -9.34 -8.90 -15.63
C ALA A 237 -9.97 -9.43 -16.93
N VAL A 238 -10.44 -10.66 -16.88
CA VAL A 238 -11.08 -11.29 -18.04
C VAL A 238 -12.36 -10.56 -18.42
N HIS A 239 -13.10 -10.09 -17.41
CA HIS A 239 -14.34 -9.36 -17.65
C HIS A 239 -14.03 -7.99 -18.29
N ALA A 240 -12.89 -7.41 -17.90
CA ALA A 240 -12.45 -6.11 -18.40
C ALA A 240 -11.97 -6.27 -19.82
N ILE A 241 -11.20 -7.34 -20.05
CA ILE A 241 -10.65 -7.66 -21.38
C ILE A 241 -11.77 -7.95 -22.39
N THR A 242 -12.87 -8.51 -21.91
CA THR A 242 -13.99 -8.84 -22.77
C THR A 242 -15.01 -7.73 -22.96
N SER A 243 -15.46 -7.15 -21.84
CA SER A 243 -16.48 -6.10 -21.82
C SER A 243 -16.03 -4.64 -21.69
N TYR A 244 -14.76 -4.37 -21.38
CA TYR A 244 -14.31 -2.97 -21.24
C TYR A 244 -13.13 -2.63 -22.12
N LYS A 245 -13.03 -3.34 -23.23
CA LYS A 245 -11.95 -3.13 -24.17
C LYS A 245 -12.02 -1.72 -24.75
N ASP A 246 -13.22 -1.12 -24.75
CA ASP A 246 -13.43 0.23 -25.26
C ASP A 246 -13.14 1.33 -24.22
N GLN A 247 -12.97 0.91 -22.97
CA GLN A 247 -12.65 1.83 -21.89
C GLN A 247 -11.28 1.44 -21.39
N LYS A 248 -10.29 1.92 -22.09
CA LYS A 248 -8.90 1.63 -21.80
C LYS A 248 -8.38 1.80 -20.36
N GLN A 249 -8.94 2.76 -19.61
CA GLN A 249 -8.50 2.96 -18.24
C GLN A 249 -8.81 1.71 -17.44
N ILE A 250 -9.98 1.14 -17.69
CA ILE A 250 -10.43 -0.08 -17.00
C ILE A 250 -9.72 -1.31 -17.58
N PHE A 251 -9.60 -1.35 -18.91
CA PHE A 251 -8.91 -2.44 -19.59
C PHE A 251 -7.45 -2.55 -19.07
N TRP A 252 -6.67 -1.48 -19.20
CA TRP A 252 -5.28 -1.49 -18.76
C TRP A 252 -5.13 -1.45 -17.26
N GLY A 253 -6.12 -0.85 -16.60
CA GLY A 253 -6.07 -0.77 -15.16
C GLY A 253 -6.03 -2.16 -14.57
N TRP A 254 -6.86 -3.05 -15.09
CA TRP A 254 -6.91 -4.42 -14.60
C TRP A 254 -5.75 -5.28 -15.05
N ILE A 255 -5.19 -4.96 -16.21
CA ILE A 255 -4.06 -5.72 -16.69
C ILE A 255 -2.89 -5.44 -15.75
N SER A 256 -2.74 -4.17 -15.38
CA SER A 256 -1.67 -3.82 -14.47
C SER A 256 -1.93 -4.49 -13.11
N CYS A 257 -3.19 -4.56 -12.70
CA CYS A 257 -3.57 -5.21 -11.43
C CYS A 257 -3.15 -6.71 -11.51
N LEU A 258 -3.38 -7.31 -12.67
CA LEU A 258 -3.01 -8.69 -12.89
C LEU A 258 -1.50 -8.87 -12.75
N ILE A 259 -0.75 -7.89 -13.25
CA ILE A 259 0.70 -7.95 -13.18
C ILE A 259 1.20 -7.70 -11.76
N PHE A 260 0.59 -6.75 -11.06
CA PHE A 260 0.99 -6.49 -9.69
C PHE A 260 0.68 -7.67 -8.77
N ILE A 261 -0.45 -8.34 -9.00
CA ILE A 261 -0.82 -9.50 -8.18
C ILE A 261 0.19 -10.63 -8.40
N THR A 262 0.67 -10.75 -9.62
CA THR A 262 1.64 -11.78 -9.96
C THR A 262 2.98 -11.50 -9.28
N LEU A 263 3.42 -10.24 -9.36
CA LEU A 263 4.67 -9.86 -8.73
C LEU A 263 4.56 -9.96 -7.20
N GLN A 264 3.37 -9.73 -6.67
CA GLN A 264 3.16 -9.80 -5.23
C GLN A 264 3.34 -11.23 -4.76
N ALA A 265 2.70 -12.16 -5.47
CA ALA A 265 2.77 -13.59 -5.16
C ALA A 265 4.19 -14.11 -5.30
N LEU A 266 4.87 -13.71 -6.39
CA LEU A 266 6.23 -14.16 -6.63
C LEU A 266 7.20 -13.69 -5.56
N SER A 267 7.10 -12.42 -5.17
CA SER A 267 7.96 -11.85 -4.13
C SER A 267 7.62 -12.51 -2.78
N GLY A 268 6.37 -12.97 -2.66
CA GLY A 268 5.94 -13.63 -1.44
C GLY A 268 6.60 -14.98 -1.33
N ILE A 269 6.65 -15.68 -2.46
CA ILE A 269 7.30 -16.99 -2.52
C ILE A 269 8.82 -16.83 -2.27
N MET A 270 9.41 -15.79 -2.82
CA MET A 270 10.82 -15.49 -2.64
C MET A 270 11.21 -15.12 -1.23
N ILE A 271 10.27 -14.54 -0.47
CA ILE A 271 10.53 -14.17 0.92
C ILE A 271 10.82 -15.49 1.63
N VAL A 272 9.99 -16.50 1.35
CA VAL A 272 10.13 -17.82 1.97
C VAL A 272 11.40 -18.51 1.52
N TYR A 273 11.57 -18.64 0.22
CA TYR A 273 12.75 -19.28 -0.33
C TYR A 273 14.05 -18.65 0.14
N SER A 274 14.07 -17.33 0.21
CA SER A 274 15.27 -16.61 0.63
C SER A 274 15.36 -16.53 2.14
N GLU A 275 14.35 -17.05 2.82
CA GLU A 275 14.29 -17.03 4.27
C GLU A 275 14.23 -15.59 4.79
N LEU A 276 13.34 -14.82 4.18
CA LEU A 276 13.09 -13.42 4.52
C LEU A 276 14.19 -12.39 4.22
N ALA A 277 14.78 -12.48 3.03
CA ALA A 277 15.78 -11.49 2.64
C ALA A 277 14.92 -10.25 2.52
N LEU A 278 15.35 -9.15 3.14
CA LEU A 278 14.56 -7.90 3.14
C LEU A 278 14.32 -7.25 1.78
N GLY A 279 15.15 -7.61 0.79
CA GLY A 279 14.99 -7.13 -0.58
C GLY A 279 13.65 -7.64 -1.12
N PHE A 280 13.32 -8.91 -0.82
CA PHE A 280 12.05 -9.50 -1.26
C PHE A 280 10.91 -8.97 -0.39
N ALA A 281 11.23 -8.68 0.87
CA ALA A 281 10.28 -8.12 1.80
C ALA A 281 9.87 -6.74 1.26
N LEU A 282 10.87 -5.97 0.90
CA LEU A 282 10.65 -4.64 0.36
C LEU A 282 9.77 -4.70 -0.89
N ALA A 283 10.03 -5.68 -1.75
CA ALA A 283 9.27 -5.87 -2.97
C ALA A 283 7.80 -6.23 -2.68
N HIS A 284 7.61 -7.07 -1.66
CA HIS A 284 6.29 -7.54 -1.26
C HIS A 284 5.43 -6.41 -0.68
N SER A 285 6.07 -5.35 -0.20
CA SER A 285 5.30 -4.24 0.35
C SER A 285 4.99 -3.26 -0.77
N PHE A 286 5.89 -3.22 -1.75
CA PHE A 286 5.79 -2.31 -2.89
C PHE A 286 4.71 -2.69 -3.91
N PHE A 287 4.67 -3.95 -4.32
CA PHE A 287 3.68 -4.36 -5.30
C PHE A 287 2.24 -4.29 -4.81
N ILE A 288 2.03 -4.53 -3.52
CA ILE A 288 0.68 -4.45 -2.99
C ILE A 288 0.29 -2.97 -2.93
N ALA A 289 1.28 -2.11 -2.75
CA ALA A 289 1.05 -0.66 -2.73
C ALA A 289 0.57 -0.22 -4.12
N CYS A 290 1.16 -0.78 -5.17
CA CYS A 290 0.77 -0.45 -6.55
C CYS A 290 -0.60 -0.94 -6.88
N LEU A 291 -0.88 -2.19 -6.52
CA LEU A 291 -2.16 -2.80 -6.76
C LEU A 291 -3.28 -2.04 -6.02
N PHE A 292 -3.07 -1.78 -4.74
CA PHE A 292 -4.04 -1.05 -3.94
C PHE A 292 -4.28 0.35 -4.49
N GLY A 293 -3.20 0.99 -4.96
CA GLY A 293 -3.34 2.32 -5.54
C GLY A 293 -4.29 2.28 -6.74
N VAL A 294 -4.11 1.28 -7.61
CA VAL A 294 -4.97 1.13 -8.77
C VAL A 294 -6.42 0.84 -8.36
N LEU A 295 -6.59 0.05 -7.31
CA LEU A 295 -7.91 -0.27 -6.80
C LEU A 295 -8.56 0.99 -6.21
N CYS A 296 -7.76 1.86 -5.59
CA CYS A 296 -8.33 3.07 -5.05
C CYS A 296 -8.70 4.03 -6.19
N TYR A 297 -7.95 3.95 -7.29
CA TYR A 297 -8.22 4.78 -8.45
C TYR A 297 -9.61 4.36 -8.97
N PHE A 298 -9.81 3.04 -9.06
CA PHE A 298 -11.08 2.48 -9.51
C PHE A 298 -12.20 2.96 -8.59
N LEU A 299 -11.96 2.99 -7.29
CA LEU A 299 -12.98 3.44 -6.35
C LEU A 299 -13.39 4.89 -6.62
N LEU A 300 -12.42 5.73 -6.96
CA LEU A 300 -12.68 7.13 -7.28
C LEU A 300 -13.59 7.20 -8.52
N LEU A 301 -13.33 6.32 -9.49
CA LEU A 301 -14.12 6.29 -10.72
C LEU A 301 -15.59 5.97 -10.39
N ILE A 302 -15.78 4.99 -9.52
CA ILE A 302 -17.10 4.58 -9.09
C ILE A 302 -17.76 5.72 -8.29
N ALA A 303 -17.02 6.33 -7.38
CA ALA A 303 -17.54 7.42 -6.57
C ALA A 303 -18.06 8.56 -7.44
N ARG A 304 -17.33 8.86 -8.50
CA ARG A 304 -17.71 9.93 -9.42
C ARG A 304 -18.85 9.51 -10.34
N PHE A 305 -18.83 8.26 -10.80
CA PHE A 305 -19.88 7.73 -11.68
C PHE A 305 -21.23 7.66 -10.95
N ARG A 306 -21.19 7.27 -9.68
CA ARG A 306 -22.39 7.16 -8.88
C ARG A 306 -22.93 8.56 -8.59
N TYR A 307 -22.05 9.54 -8.48
CA TYR A 307 -22.51 10.92 -8.30
C TYR A 307 -23.11 11.45 -9.63
N GLU A 308 -22.42 11.19 -10.76
CA GLU A 308 -22.88 11.64 -12.07
C GLU A 308 -24.17 10.94 -12.46
N SER A 309 -24.16 9.60 -12.45
CA SER A 309 -25.36 8.83 -12.81
C SER A 309 -26.00 8.18 -11.58
CHA HEM B . 3.53 -10.60 4.31
CHB HEM B . 0.23 -9.27 1.11
CHC HEM B . 0.92 -13.41 -1.33
CHD HEM B . 4.23 -14.69 1.93
C1A HEM B . 2.57 -9.84 3.66
C2A HEM B . 2.13 -8.57 4.12
C3A HEM B . 1.19 -8.18 3.20
C4A HEM B . 1.05 -9.23 2.19
CMA HEM B . 0.38 -6.89 3.19
CAA HEM B . 2.60 -7.80 5.36
CBA HEM B . 3.98 -7.23 5.22
CGA HEM B . 4.54 -6.46 6.42
O1A HEM B . 5.72 -5.99 6.36
O2A HEM B . 3.83 -6.32 7.41
C1B HEM B . 0.09 -10.28 0.12
C2B HEM B . -0.82 -10.21 -1.00
C3B HEM B . -0.60 -11.47 -1.73
C4B HEM B . 0.41 -12.15 -0.98
CMB HEM B . -1.77 -9.10 -1.30
CAB HEM B . -1.32 -11.85 -2.96
CBB HEM B . -0.75 -12.32 -4.06
C1C HEM B . 1.89 -14.12 -0.64
C2C HEM B . 2.37 -15.45 -1.08
C3C HEM B . 3.36 -15.86 -0.13
C4C HEM B . 3.40 -14.70 0.85
CMC HEM B . 1.88 -16.20 -2.33
CAC HEM B . 4.12 -17.02 -0.07
CBC HEM B . 4.10 -18.26 -0.45
C1D HEM B . 4.33 -13.69 2.87
C2D HEM B . 5.28 -13.75 4.05
C3D HEM B . 5.05 -12.56 4.73
C4D HEM B . 4.02 -11.82 3.96
CMD HEM B . 6.23 -14.91 4.35
CAD HEM B . 5.73 -12.07 6.00
CBD HEM B . 7.01 -11.36 5.71
CGD HEM B . 7.58 -10.65 6.87
O1D HEM B . 7.91 -9.41 6.74
O2D HEM B . 7.76 -11.26 7.94
NA HEM B . 1.91 -10.26 2.48
NB HEM B . 0.83 -11.41 0.14
NC HEM B . 2.53 -13.72 0.51
ND HEM B . 3.62 -12.53 2.87
FE HEM B . 2.22 -11.98 1.49
CU CU C . 6.19 -18.85 18.11
S SO4 D . 8.87 -6.35 13.53
O1 SO4 D . 9.51 -7.12 14.63
O2 SO4 D . 7.90 -5.41 14.12
O3 SO4 D . 9.91 -5.58 12.82
O4 SO4 D . 8.17 -7.25 12.60
S SO4 E . -20.82 -4.97 -16.08
O1 SO4 E . -21.81 -5.19 -15.01
O2 SO4 E . -21.25 -3.84 -16.91
O3 SO4 E . -19.49 -4.68 -15.48
O4 SO4 E . -20.73 -6.18 -16.91
C10 OLC F . -9.87 4.32 1.01
C9 OLC F . -9.26 5.43 0.42
C11 OLC F . -10.15 3.03 0.28
C8 OLC F . -8.84 5.43 -1.01
C24 OLC F . -16.98 13.62 -1.21
C12 OLC F . -9.89 1.86 1.22
C7 OLC F . -8.61 6.85 -1.57
C15 OLC F . -11.61 -1.47 2.06
C13 OLC F . -10.95 0.77 1.12
C6 OLC F . -9.91 7.49 -2.06
C14 OLC F . -10.73 -0.27 2.23
C5 OLC F . -10.52 6.79 -3.27
C4 OLC F . -11.55 7.70 -3.97
C3 OLC F . -12.78 8.01 -3.10
C2 OLC F . -13.50 9.26 -3.63
C21 OLC F . -16.43 11.33 -2.20
C1 OLC F . -14.74 9.69 -2.80
C22 OLC F . -17.22 12.64 -2.40
O19 OLC F . -15.18 8.93 -1.93
O25 OLC F . -15.89 14.58 -1.19
O23 OLC F . -17.08 13.38 -3.63
O20 OLC F . -15.36 10.96 -3.10
C8 OLC G . 6.29 9.29 -7.45
C24 OLC G . -2.39 13.31 -15.00
C7 OLC G . 4.80 9.49 -7.18
C6 OLC G . 4.06 10.04 -8.40
C5 OLC G . 2.55 9.91 -8.27
C4 OLC G . 1.85 10.89 -9.22
C3 OLC G . 0.35 10.61 -9.33
C2 OLC G . -0.36 11.59 -10.30
C21 OLC G . -0.87 11.52 -14.12
C1 OLC G . -0.19 11.27 -11.81
C22 OLC G . -1.87 11.89 -15.24
O19 OLC G . 0.80 10.64 -12.21
O25 OLC G . -3.12 14.01 -16.00
O23 OLC G . -1.54 11.73 -16.63
O20 OLC G . -1.21 11.73 -12.73
#